data_3MGC
#
_entry.id   3MGC
#
_cell.length_a   79.388
_cell.length_b   126.086
_cell.length_c   145.133
_cell.angle_alpha   90.00
_cell.angle_beta   90.00
_cell.angle_gamma   90.00
#
_symmetry.space_group_name_H-M   'C 2 2 21'
#
loop_
_entity.id
_entity.type
_entity.pdbx_description
1 polymer Teg12
2 non-polymer GLYCEROL
3 non-polymer IMIDAZOLE
4 non-polymer 'N-L-ALPHA-ASPARTYL L-PHENYLALANINE 1-METHYL ESTER'
5 water water
#
_entity_poly.entity_id   1
_entity_poly.type   'polypeptide(L)'
_entity_poly.pdbx_seq_one_letter_code
;MGSSHHHHHHSSGLVPRGSHMASMTGGQQMGRGSMNGIRWIASYPKAGNTWVRCMLAAYITGKAPQVWNDIDAESLTLEA
MLRFGDLPPAEPMEPVLVKTHLKADVPVLGLYGEATAKVLYLVRNPRDMLLSSMRMASISRDDVEKSRDFARKFIANEGL
GWNALGAGGGVGLGSWPENVRSWTESSSDRFPNADVLTMRYEDLKGDPVARFSEIVEFLDLGGPVDIEDIRRAVAASTLE
RMRELEKRSEQQGGGSPIRHGDARMMKGGPGGARPQFVGEGRYDQSLSFLGEDIESDYQELLHGDSGFALYAKQYGYAG
;
_entity_poly.pdbx_strand_id   A,B
#
# COMPACT_ATOMS: atom_id res chain seq x y z
N SER A 3 20.67 6.63 -22.06
CA SER A 3 19.56 6.69 -21.07
C SER A 3 19.29 5.31 -20.45
N SER A 4 19.65 5.14 -19.18
CA SER A 4 19.47 3.88 -18.42
C SER A 4 18.28 3.93 -17.45
N HIS A 5 17.73 2.76 -17.15
CA HIS A 5 16.71 2.56 -16.15
C HIS A 5 17.19 3.05 -14.76
N HIS A 6 16.29 3.68 -14.01
CA HIS A 6 16.67 4.24 -12.70
C HIS A 6 17.05 3.21 -11.62
N HIS A 7 16.94 1.91 -11.90
CA HIS A 7 17.28 0.88 -10.91
C HIS A 7 18.53 0.06 -11.32
N HIS A 8 19.31 0.56 -12.28
CA HIS A 8 20.36 -0.25 -12.89
C HIS A 8 21.38 -0.75 -11.87
N HIS A 9 21.83 0.14 -11.00
CA HIS A 9 22.64 -0.21 -9.83
C HIS A 9 22.18 -1.38 -8.93
N HIS A 10 20.96 -1.85 -9.05
CA HIS A 10 20.56 -3.04 -8.27
C HIS A 10 20.96 -4.37 -8.91
N SER A 11 21.49 -4.31 -10.13
CA SER A 11 21.99 -5.46 -10.91
C SER A 11 23.46 -5.27 -11.13
N SER A 12 24.14 -6.40 -11.10
CA SER A 12 25.52 -6.47 -11.50
C SER A 12 25.61 -6.07 -12.96
N GLY A 13 24.68 -6.58 -13.76
CA GLY A 13 24.79 -6.43 -15.19
C GLY A 13 25.91 -7.24 -15.83
N LEU A 14 26.64 -8.04 -15.04
CA LEU A 14 27.65 -8.97 -15.55
C LEU A 14 27.03 -10.22 -16.18
N VAL A 15 27.50 -10.58 -17.37
CA VAL A 15 26.95 -11.71 -18.05
C VAL A 15 28.05 -12.40 -18.86
N PRO A 16 28.16 -13.73 -18.77
CA PRO A 16 27.41 -14.57 -17.87
C PRO A 16 27.87 -14.37 -16.46
N ARG A 17 26.99 -14.69 -15.53
CA ARG A 17 27.24 -14.51 -14.12
C ARG A 17 28.19 -15.58 -13.60
N GLY A 18 29.07 -15.20 -12.67
CA GLY A 18 29.96 -16.12 -11.99
C GLY A 18 29.79 -16.09 -10.46
N SER A 19 30.51 -16.98 -9.78
CA SER A 19 30.46 -17.09 -8.31
C SER A 19 31.81 -17.10 -7.59
N HIS A 20 31.73 -16.58 -6.38
CA HIS A 20 32.82 -16.62 -5.42
C HIS A 20 32.69 -17.86 -4.55
N MET A 21 31.52 -18.50 -4.56
CA MET A 21 31.24 -19.64 -3.70
C MET A 21 31.53 -20.95 -4.40
N ALA A 22 31.61 -20.92 -5.73
CA ALA A 22 31.73 -22.14 -6.52
C ALA A 22 32.53 -21.90 -7.80
N SER A 23 33.13 -22.98 -8.33
CA SER A 23 33.89 -22.97 -9.58
C SER A 23 33.28 -23.91 -10.60
N MET A 24 33.75 -23.79 -11.83
CA MET A 24 33.41 -24.65 -13.00
C MET A 24 32.10 -24.23 -13.66
N SER A 34 26.23 -17.04 2.91
CA SER A 34 25.31 -16.21 3.69
C SER A 34 23.88 -16.76 3.58
N MET A 35 23.08 -16.63 4.64
CA MET A 35 21.83 -17.42 4.70
C MET A 35 20.72 -16.73 3.92
N ASN A 36 19.95 -17.48 3.15
CA ASN A 36 18.74 -16.92 2.49
C ASN A 36 17.61 -16.62 3.49
N GLY A 37 16.68 -15.77 3.08
CA GLY A 37 15.61 -15.33 3.94
C GLY A 37 15.42 -13.84 3.91
N ILE A 38 14.29 -13.41 4.47
CA ILE A 38 13.96 -12.01 4.57
C ILE A 38 14.69 -11.36 5.76
N ARG A 39 15.18 -10.14 5.51
CA ARG A 39 15.76 -9.31 6.55
C ARG A 39 14.84 -8.13 6.74
N TRP A 40 14.01 -8.13 7.77
CA TRP A 40 13.16 -6.97 8.02
C TRP A 40 13.99 -5.88 8.71
N ILE A 41 14.01 -4.68 8.13
CA ILE A 41 14.53 -3.54 8.82
C ILE A 41 13.33 -2.81 9.45
N ALA A 42 13.06 -3.07 10.73
CA ALA A 42 11.79 -2.61 11.32
C ALA A 42 11.92 -1.52 12.40
N SER A 43 11.13 -0.46 12.28
CA SER A 43 11.01 0.54 13.35
C SER A 43 9.70 1.29 13.21
N TYR A 44 9.27 1.93 14.28
CA TYR A 44 8.18 2.87 14.20
C TYR A 44 8.57 3.95 13.21
N PRO A 45 7.62 4.74 12.77
CA PRO A 45 8.01 5.91 11.99
C PRO A 45 9.05 6.83 12.66
N LYS A 46 9.90 7.41 11.87
CA LYS A 46 10.90 8.31 12.38
C LYS A 46 11.78 7.70 13.48
N ALA A 47 11.88 6.38 13.50
CA ALA A 47 12.63 5.73 14.55
C ALA A 47 13.80 4.96 14.01
N GLY A 48 14.46 5.46 12.97
CA GLY A 48 15.71 4.83 12.44
C GLY A 48 15.70 3.97 11.17
N ASN A 49 14.62 3.24 10.88
CA ASN A 49 14.67 2.25 9.78
C ASN A 49 14.82 2.87 8.36
N THR A 50 14.45 4.13 8.16
CA THR A 50 14.67 4.76 6.86
C THR A 50 16.18 5.01 6.62
N TRP A 51 16.86 5.60 7.60
CA TRP A 51 18.31 5.79 7.58
C TRP A 51 19.06 4.48 7.40
N VAL A 52 18.71 3.44 8.16
CA VAL A 52 19.43 2.16 7.99
C VAL A 52 19.15 1.62 6.60
N ARG A 53 17.93 1.78 6.14
CA ARG A 53 17.54 1.33 4.79
C ARG A 53 18.25 2.06 3.66
N CYS A 54 18.60 3.33 3.90
CA CYS A 54 19.38 4.09 2.93
C CYS A 54 20.82 3.65 2.99
N MET A 55 21.35 3.51 4.20
CA MET A 55 22.77 3.13 4.35
C MET A 55 23.01 1.81 3.68
N LEU A 56 22.06 0.91 3.86
CA LEU A 56 22.13 -0.43 3.29
C LEU A 56 22.23 -0.36 1.79
N ALA A 57 21.32 0.39 1.17
CA ALA A 57 21.45 0.60 -0.28
C ALA A 57 22.90 1.03 -0.69
N ALA A 58 23.38 2.10 -0.03
CA ALA A 58 24.73 2.61 -0.25
C ALA A 58 25.86 1.53 -0.20
N TYR A 59 25.78 0.66 0.81
CA TYR A 59 26.70 -0.44 0.98
C TYR A 59 26.59 -1.48 -0.17
N ILE A 60 25.40 -2.04 -0.35
CA ILE A 60 25.17 -3.03 -1.39
C ILE A 60 25.36 -2.48 -2.78
N THR A 61 24.90 -1.26 -3.01
CA THR A 61 24.71 -0.73 -4.37
C THR A 61 25.77 0.30 -4.73
N GLY A 62 26.27 1.05 -3.77
CA GLY A 62 27.21 2.14 -4.04
C GLY A 62 26.51 3.49 -4.05
N LYS A 63 25.20 3.48 -4.30
CA LYS A 63 24.39 4.69 -4.44
C LYS A 63 23.15 4.66 -3.54
N ALA A 64 23.10 5.59 -2.59
CA ALA A 64 21.91 5.80 -1.73
C ALA A 64 20.66 6.34 -2.49
N PRO A 65 19.45 5.88 -2.10
CA PRO A 65 18.26 6.36 -2.81
C PRO A 65 18.01 7.86 -2.57
N GLN A 66 17.19 8.46 -3.42
CA GLN A 66 16.79 9.85 -3.24
C GLN A 66 15.53 10.06 -2.40
N VAL A 67 15.73 10.38 -1.12
CA VAL A 67 14.62 10.53 -0.19
C VAL A 67 14.48 11.96 0.33
N TRP A 68 13.58 12.72 -0.32
CA TRP A 68 13.34 14.14 0.00
C TRP A 68 12.46 14.35 1.24
N ASN A 69 11.59 13.39 1.51
CA ASN A 69 10.53 13.58 2.47
C ASN A 69 9.90 12.24 2.84
N ASP A 70 8.87 12.27 3.67
CA ASP A 70 8.29 11.02 4.17
C ASP A 70 7.60 10.20 3.10
N ILE A 71 7.14 10.87 2.03
CA ILE A 71 6.48 10.21 0.89
C ILE A 71 7.53 9.39 0.14
N ASP A 72 8.67 10.01 -0.07
CA ASP A 72 9.76 9.30 -0.65
C ASP A 72 10.16 8.08 0.18
N ALA A 73 10.40 8.31 1.46
CA ALA A 73 10.75 7.23 2.42
C ALA A 73 9.73 6.09 2.48
N GLU A 74 8.47 6.41 2.32
CA GLU A 74 7.43 5.39 2.37
C GLU A 74 7.42 4.51 1.12
N SER A 75 7.94 5.04 0.03
CA SER A 75 8.11 4.26 -1.20
C SER A 75 8.88 2.97 -0.98
N LEU A 76 9.89 3.06 -0.11
CA LEU A 76 10.78 1.94 0.10
C LEU A 76 10.31 0.91 1.18
N THR A 77 9.02 0.87 1.55
CA THR A 77 8.53 -0.05 2.60
C THR A 77 7.68 -1.20 2.07
N LEU A 78 7.58 -2.27 2.86
CA LEU A 78 6.62 -3.30 2.58
C LEU A 78 5.23 -2.71 2.25
N GLU A 79 4.86 -1.70 3.02
CA GLU A 79 3.51 -1.15 2.94
C GLU A 79 3.29 -0.56 1.56
N ALA A 80 4.25 0.18 1.02
CA ALA A 80 4.02 0.85 -0.27
C ALA A 80 3.90 -0.23 -1.30
N MET A 81 4.79 -1.19 -1.21
CA MET A 81 4.72 -2.39 -2.04
C MET A 81 3.35 -3.08 -2.01
N LEU A 82 2.73 -3.14 -0.81
CA LEU A 82 1.41 -3.78 -0.64
C LEU A 82 0.29 -3.01 -1.32
N ARG A 83 0.29 -1.69 -1.18
CA ARG A 83 -0.75 -0.88 -1.81
C ARG A 83 -0.94 -1.28 -3.28
N PHE A 84 0.08 -1.86 -3.91
CA PHE A 84 -0.04 -2.25 -5.31
C PHE A 84 -0.11 -3.74 -5.57
N GLY A 85 -0.33 -4.50 -4.52
CA GLY A 85 -0.55 -5.91 -4.66
C GLY A 85 0.69 -6.75 -4.75
N ASP A 86 1.87 -6.17 -4.60
CA ASP A 86 3.12 -6.94 -4.71
C ASP A 86 3.46 -7.51 -3.31
N LEU A 87 4.48 -8.35 -3.25
CA LEU A 87 4.93 -8.97 -2.02
C LEU A 87 6.36 -9.41 -2.21
N PRO A 88 7.17 -9.33 -1.15
CA PRO A 88 8.45 -9.98 -1.27
C PRO A 88 8.26 -11.49 -1.40
N PRO A 89 9.24 -12.17 -1.97
CA PRO A 89 9.16 -13.62 -2.04
C PRO A 89 9.00 -14.29 -0.68
N ALA A 90 8.20 -15.35 -0.60
CA ALA A 90 8.07 -16.11 0.63
C ALA A 90 8.98 -17.34 0.64
N GLU A 91 9.39 -17.81 -0.54
CA GLU A 91 10.38 -18.85 -0.61
C GLU A 91 11.61 -18.25 -1.32
N PRO A 92 12.28 -17.28 -0.67
CA PRO A 92 13.44 -16.59 -1.27
C PRO A 92 14.70 -17.42 -1.38
N MET A 93 15.40 -17.24 -2.49
CA MET A 93 16.61 -18.01 -2.76
C MET A 93 17.84 -17.22 -2.38
N GLU A 94 17.65 -16.06 -1.74
CA GLU A 94 18.73 -15.09 -1.45
C GLU A 94 18.37 -14.20 -0.29
N PRO A 95 19.28 -13.32 0.14
CA PRO A 95 18.89 -12.30 1.13
C PRO A 95 18.01 -11.18 0.54
N VAL A 96 16.79 -11.08 1.06
CA VAL A 96 15.89 -9.98 0.71
C VAL A 96 15.71 -9.01 1.88
N LEU A 97 16.16 -7.78 1.68
CA LEU A 97 15.98 -6.73 2.68
C LEU A 97 14.69 -5.93 2.40
N VAL A 98 13.80 -5.90 3.39
CA VAL A 98 12.54 -5.16 3.31
C VAL A 98 12.36 -4.34 4.58
N LYS A 99 12.17 -3.04 4.40
CA LYS A 99 11.89 -2.13 5.49
C LYS A 99 10.40 -2.17 5.81
N THR A 100 10.00 -2.08 7.06
CA THR A 100 8.58 -1.83 7.32
C THR A 100 8.43 -1.14 8.63
N HIS A 101 7.33 -0.39 8.81
CA HIS A 101 6.90 0.05 10.17
C HIS A 101 5.75 -0.80 10.75
N LEU A 102 5.31 -1.84 10.04
CA LEU A 102 4.15 -2.60 10.48
C LEU A 102 4.50 -3.41 11.70
N LYS A 103 3.50 -3.69 12.54
CA LYS A 103 3.66 -4.60 13.63
C LYS A 103 4.00 -6.00 13.11
N ALA A 104 4.92 -6.66 13.82
CA ALA A 104 5.28 -8.03 13.56
C ALA A 104 4.10 -8.99 13.44
N ASP A 105 2.97 -8.74 14.10
CA ASP A 105 1.83 -9.74 14.07
C ASP A 105 0.62 -9.41 13.15
N VAL A 106 0.79 -8.51 12.18
CA VAL A 106 -0.27 -8.22 11.21
C VAL A 106 -0.36 -9.44 10.29
N PRO A 107 -1.55 -9.79 9.80
CA PRO A 107 -1.66 -10.97 8.95
C PRO A 107 -0.59 -11.16 7.85
N VAL A 108 -0.26 -10.13 7.06
CA VAL A 108 0.59 -10.34 5.90
C VAL A 108 1.87 -11.02 6.29
N LEU A 109 2.44 -10.64 7.44
CA LEU A 109 3.78 -11.13 7.79
C LEU A 109 3.68 -12.56 8.31
N GLY A 110 2.44 -13.03 8.44
CA GLY A 110 2.18 -14.45 8.65
C GLY A 110 2.79 -15.32 7.55
N LEU A 111 2.87 -14.79 6.35
CA LEU A 111 3.42 -15.54 5.22
C LEU A 111 4.94 -15.77 5.29
N TYR A 112 5.70 -14.98 6.06
CA TYR A 112 7.17 -15.13 6.14
C TYR A 112 7.67 -15.81 7.43
N GLY A 113 6.83 -16.60 8.07
CA GLY A 113 7.25 -17.38 9.23
C GLY A 113 8.53 -18.16 9.01
N GLU A 114 8.48 -19.15 8.13
CA GLU A 114 9.69 -19.84 7.70
C GLU A 114 10.64 -18.90 6.93
N ALA A 115 10.12 -17.98 6.14
CA ALA A 115 10.99 -17.17 5.29
C ALA A 115 11.99 -16.27 6.06
N THR A 116 11.58 -15.66 7.19
CA THR A 116 12.40 -14.64 7.86
C THR A 116 13.71 -15.16 8.50
N ALA A 117 14.84 -14.56 8.09
CA ALA A 117 16.17 -14.93 8.59
C ALA A 117 16.66 -14.00 9.71
N LYS A 118 16.35 -12.70 9.57
CA LYS A 118 16.90 -11.66 10.44
C LYS A 118 15.87 -10.54 10.74
N VAL A 119 15.81 -10.11 12.00
CA VAL A 119 15.03 -8.96 12.34
C VAL A 119 15.92 -7.90 12.95
N LEU A 120 16.08 -6.80 12.24
CA LEU A 120 16.63 -5.60 12.86
C LEU A 120 15.49 -4.69 13.37
N TYR A 121 15.36 -4.54 14.67
CA TYR A 121 14.40 -3.59 15.18
C TYR A 121 15.14 -2.38 15.72
N LEU A 122 14.74 -1.18 15.30
CA LEU A 122 15.31 0.06 15.88
C LEU A 122 14.28 0.81 16.70
N VAL A 123 14.60 1.19 17.93
CA VAL A 123 13.77 2.11 18.72
C VAL A 123 14.43 3.46 18.98
N ARG A 124 13.57 4.45 19.24
CA ARG A 124 14.00 5.79 19.53
C ARG A 124 13.18 6.44 20.62
N ASN A 125 13.78 7.40 21.32
CA ASN A 125 13.02 8.21 22.27
C ASN A 125 11.72 8.74 21.64
N PRO A 126 10.58 8.46 22.26
CA PRO A 126 9.34 8.89 21.68
C PRO A 126 9.15 10.37 21.71
N ARG A 127 9.88 11.08 22.58
CA ARG A 127 9.86 12.55 22.48
C ARG A 127 10.26 12.94 21.07
N ASP A 128 11.36 12.36 20.61
CA ASP A 128 11.87 12.72 19.33
C ASP A 128 10.94 12.20 18.25
N MET A 129 10.55 10.94 18.35
CA MET A 129 9.63 10.41 17.37
C MET A 129 8.46 11.34 17.24
N LEU A 130 7.93 11.83 18.35
CA LEU A 130 6.73 12.66 18.37
C LEU A 130 6.90 13.95 17.61
N LEU A 131 8.02 14.63 17.87
CA LEU A 131 8.30 15.84 17.16
C LEU A 131 8.62 15.51 15.69
N SER A 132 9.53 14.57 15.45
CA SER A 132 9.89 14.33 14.08
C SER A 132 8.64 13.94 13.28
N SER A 133 7.73 13.24 13.94
CA SER A 133 6.48 12.88 13.29
C SER A 133 5.67 14.08 12.88
N MET A 134 5.61 15.09 13.73
CA MET A 134 4.82 16.28 13.43
C MET A 134 5.19 16.90 12.10
N ARG A 135 6.36 16.52 11.56
CA ARG A 135 6.77 16.96 10.21
C ARG A 135 6.16 16.12 9.09
N MET A 136 5.99 14.82 9.30
CA MET A 136 5.12 14.00 8.43
C MET A 136 3.73 14.66 8.14
N ALA A 137 3.00 15.02 9.20
CA ALA A 137 1.66 15.63 9.04
C ALA A 137 1.67 17.06 8.45
N SER A 138 2.85 17.52 8.01
CA SER A 138 3.04 18.84 7.39
C SER A 138 2.58 19.94 8.35
N ILE A 139 3.24 20.03 9.50
CA ILE A 139 2.99 21.06 10.51
C ILE A 139 4.27 21.89 10.72
N SER A 140 4.18 23.21 10.55
CA SER A 140 5.26 24.12 10.98
C SER A 140 5.43 24.04 12.51
N ARG A 141 6.58 24.52 12.99
CA ARG A 141 6.77 24.72 14.44
C ARG A 141 5.91 25.90 15.00
N ASP A 142 5.27 26.67 14.12
CA ASP A 142 4.48 27.86 14.50
C ASP A 142 2.95 27.69 14.59
N ASP A 143 2.40 26.59 14.06
CA ASP A 143 0.99 26.24 14.26
C ASP A 143 0.87 25.42 15.54
N VAL A 144 1.29 26.01 16.66
CA VAL A 144 1.16 25.37 17.96
C VAL A 144 -0.18 24.64 18.08
N GLU A 145 -1.26 25.36 17.80
CA GLU A 145 -2.58 24.75 17.77
C GLU A 145 -2.55 23.34 17.16
N LYS A 146 -2.12 23.21 15.89
CA LYS A 146 -2.06 21.90 15.21
C LYS A 146 -1.18 20.90 15.98
N SER A 147 0.01 21.35 16.37
CA SER A 147 0.92 20.53 17.17
C SER A 147 0.21 19.88 18.35
N ARG A 148 -0.47 20.70 19.17
CA ARG A 148 -1.16 20.21 20.37
C ARG A 148 -2.11 19.12 19.96
N ASP A 149 -2.84 19.34 18.91
CA ASP A 149 -3.85 18.38 18.53
C ASP A 149 -3.22 17.02 18.18
N PHE A 150 -2.11 17.09 17.46
CA PHE A 150 -1.34 15.94 17.09
C PHE A 150 -0.77 15.21 18.30
N ALA A 151 -0.11 15.99 19.16
CA ALA A 151 0.51 15.46 20.36
C ALA A 151 -0.58 14.93 21.26
N ARG A 152 -1.65 15.69 21.40
CA ARG A 152 -2.75 15.25 22.25
C ARG A 152 -3.22 13.87 21.74
N LYS A 153 -3.40 13.74 20.42
CA LYS A 153 -3.86 12.48 19.80
C LYS A 153 -2.77 11.40 19.85
N PHE A 154 -1.52 11.81 19.77
CA PHE A 154 -0.45 10.88 20.01
C PHE A 154 -0.48 10.35 21.45
N ILE A 155 -0.52 11.23 22.45
CA ILE A 155 -0.39 10.78 23.83
C ILE A 155 -1.56 9.90 24.19
N ALA A 156 -2.74 10.31 23.74
CA ALA A 156 -3.96 9.55 23.93
C ALA A 156 -3.84 8.14 23.37
N ASN A 157 -3.16 7.98 22.24
CA ASN A 157 -3.05 6.66 21.60
C ASN A 157 -1.79 5.88 21.95
N GLU A 158 -0.94 6.47 22.77
CA GLU A 158 0.35 5.93 23.03
C GLU A 158 1.09 5.63 21.72
N GLY A 159 0.96 6.52 20.74
CA GLY A 159 1.61 6.32 19.44
C GLY A 159 0.80 6.81 18.27
N LEU A 160 1.19 6.40 17.06
CA LEU A 160 0.72 7.04 15.84
C LEU A 160 -0.32 6.27 15.05
N GLY A 161 -0.81 5.16 15.55
CA GLY A 161 -1.77 4.35 14.79
C GLY A 161 -3.23 4.72 15.00
N TRP A 162 -3.62 5.91 14.54
CA TRP A 162 -5.03 6.38 14.63
C TRP A 162 -5.66 6.63 13.26
N ASN A 163 -5.81 5.55 12.47
CA ASN A 163 -6.44 5.57 11.14
C ASN A 163 -5.62 4.76 10.13
N GLY A 170 -6.65 -3.75 15.26
CA GLY A 170 -5.76 -4.87 15.61
C GLY A 170 -4.58 -5.09 14.67
N VAL A 171 -4.27 -4.06 13.87
CA VAL A 171 -3.27 -4.14 12.80
C VAL A 171 -2.60 -2.78 12.58
N GLY A 172 -1.94 -2.60 11.43
CA GLY A 172 -1.20 -1.39 11.14
C GLY A 172 0.04 -1.26 12.01
N LEU A 173 0.35 -0.03 12.38
CA LEU A 173 1.50 0.30 13.16
C LEU A 173 1.33 -0.17 14.58
N GLY A 174 0.15 0.00 15.13
CA GLY A 174 -0.03 -0.21 16.56
C GLY A 174 0.53 0.90 17.44
N SER A 175 0.20 0.83 18.71
CA SER A 175 0.78 1.75 19.64
C SER A 175 2.30 1.53 19.64
N TRP A 176 3.05 2.46 20.19
CA TRP A 176 4.43 2.27 20.33
C TRP A 176 4.74 0.93 21.03
N PRO A 177 4.27 0.76 22.27
CA PRO A 177 4.60 -0.49 23.00
C PRO A 177 4.17 -1.80 22.29
N GLU A 178 2.99 -1.79 21.67
CA GLU A 178 2.61 -2.88 20.80
C GLU A 178 3.69 -3.14 19.71
N ASN A 179 4.05 -2.10 18.95
CA ASN A 179 5.00 -2.30 17.88
C ASN A 179 6.28 -2.95 18.46
N VAL A 180 6.77 -2.36 19.55
CA VAL A 180 8.01 -2.77 20.15
C VAL A 180 7.94 -4.22 20.63
N ARG A 181 6.91 -4.54 21.40
CA ARG A 181 6.66 -5.93 21.86
C ARG A 181 6.51 -6.92 20.70
N SER A 182 6.00 -6.50 19.54
CA SER A 182 5.81 -7.46 18.47
C SER A 182 7.13 -7.90 17.86
N TRP A 183 7.99 -6.97 17.51
CA TRP A 183 9.24 -7.30 16.84
C TRP A 183 10.26 -7.89 17.81
N THR A 184 10.36 -7.31 19.01
CA THR A 184 11.30 -7.78 19.99
C THR A 184 10.90 -9.16 20.46
N GLU A 185 9.61 -9.50 20.44
CA GLU A 185 9.21 -10.89 20.84
C GLU A 185 8.97 -11.85 19.65
N SER A 186 9.40 -11.41 18.49
CA SER A 186 9.05 -12.06 17.26
C SER A 186 9.69 -13.46 17.05
N SER A 187 10.93 -13.61 17.52
CA SER A 187 11.77 -14.75 17.20
C SER A 187 11.20 -16.02 17.82
N SER A 188 10.51 -15.84 18.93
CA SER A 188 10.03 -16.97 19.69
C SER A 188 8.94 -17.76 18.98
N ASP A 189 8.06 -17.08 18.26
CA ASP A 189 6.90 -17.76 17.69
C ASP A 189 6.68 -17.41 16.23
N ARG A 190 6.49 -16.14 15.95
CA ARG A 190 6.24 -15.68 14.58
C ARG A 190 7.39 -15.89 13.57
N PHE A 191 8.64 -15.83 14.05
CA PHE A 191 9.80 -15.97 13.19
C PHE A 191 10.81 -16.94 13.81
N PRO A 192 10.54 -18.23 13.71
CA PRO A 192 11.37 -19.16 14.48
C PRO A 192 12.81 -19.32 14.02
N ASN A 193 13.07 -19.20 12.73
CA ASN A 193 14.40 -19.38 12.24
C ASN A 193 15.18 -18.10 12.30
N ALA A 194 14.68 -17.08 12.96
CA ALA A 194 15.21 -15.73 12.79
C ALA A 194 15.92 -15.29 14.04
N ASP A 195 17.04 -14.61 13.88
CA ASP A 195 17.69 -13.90 14.97
C ASP A 195 17.20 -12.47 15.02
N VAL A 196 17.21 -11.88 16.20
CA VAL A 196 16.72 -10.52 16.39
C VAL A 196 17.71 -9.60 17.04
N LEU A 197 18.02 -8.50 16.37
CA LEU A 197 18.89 -7.47 16.92
C LEU A 197 18.09 -6.18 17.10
N THR A 198 18.45 -5.41 18.10
CA THR A 198 17.67 -4.29 18.55
C THR A 198 18.63 -3.14 18.80
N MET A 199 18.33 -1.95 18.36
CA MET A 199 19.34 -0.90 18.46
C MET A 199 18.63 0.39 18.57
N ARG A 200 19.01 1.20 19.56
CA ARG A 200 18.39 2.46 19.76
C ARG A 200 18.98 3.39 18.76
N TYR A 201 18.12 4.10 18.06
CA TYR A 201 18.54 5.19 17.17
C TYR A 201 19.64 6.10 17.76
N GLU A 202 19.51 6.42 19.05
CA GLU A 202 20.47 7.35 19.69
C GLU A 202 21.88 6.75 19.67
N ASP A 203 21.96 5.42 19.70
CA ASP A 203 23.24 4.75 19.68
C ASP A 203 23.85 4.79 18.32
N LEU A 204 23.01 4.52 17.32
CA LEU A 204 23.40 4.66 15.91
C LEU A 204 23.94 6.07 15.67
N LYS A 205 23.19 7.08 16.10
CA LYS A 205 23.57 8.45 15.83
C LYS A 205 24.88 8.77 16.55
N GLY A 206 25.07 8.19 17.73
CA GLY A 206 26.30 8.39 18.51
C GLY A 206 27.55 7.84 17.82
N ASP A 207 27.49 6.59 17.34
CA ASP A 207 28.63 5.94 16.73
C ASP A 207 28.24 5.20 15.44
N PRO A 208 27.98 5.96 14.38
CA PRO A 208 27.29 5.36 13.25
C PRO A 208 28.10 4.28 12.53
N VAL A 209 29.39 4.49 12.36
CA VAL A 209 30.28 3.49 11.70
C VAL A 209 30.42 2.21 12.51
N ALA A 210 30.75 2.32 13.80
CA ALA A 210 30.76 1.14 14.67
C ALA A 210 29.45 0.41 14.53
N ARG A 211 28.36 1.17 14.64
CA ARG A 211 27.06 0.55 14.80
C ARG A 211 26.56 -0.08 13.53
N PHE A 212 26.83 0.54 12.41
CA PHE A 212 26.29 0.07 11.15
C PHE A 212 27.13 -1.14 10.69
N SER A 213 28.41 -1.14 11.03
CA SER A 213 29.20 -2.35 10.82
C SER A 213 28.63 -3.53 11.61
N GLU A 214 28.09 -3.30 12.81
CA GLU A 214 27.47 -4.38 13.58
C GLU A 214 26.23 -4.87 12.88
N ILE A 215 25.47 -3.92 12.33
CA ILE A 215 24.25 -4.27 11.63
C ILE A 215 24.57 -5.12 10.43
N VAL A 216 25.55 -4.70 9.64
CA VAL A 216 25.93 -5.43 8.44
C VAL A 216 26.49 -6.84 8.73
N GLU A 217 27.22 -7.01 9.83
CA GLU A 217 27.64 -8.33 10.27
C GLU A 217 26.39 -9.11 10.59
N PHE A 218 25.54 -8.51 11.41
CA PHE A 218 24.38 -9.18 11.87
C PHE A 218 23.46 -9.57 10.75
N LEU A 219 23.36 -8.77 9.72
CA LEU A 219 22.51 -9.13 8.59
C LEU A 219 23.11 -10.17 7.64
N ASP A 220 24.37 -10.55 7.82
CA ASP A 220 24.96 -11.68 7.10
C ASP A 220 24.67 -11.67 5.60
N LEU A 221 25.13 -10.64 4.90
CA LEU A 221 24.93 -10.53 3.45
C LEU A 221 26.04 -11.22 2.66
N GLY A 222 27.09 -11.68 3.35
CA GLY A 222 28.15 -12.43 2.69
C GLY A 222 29.45 -11.72 2.91
N GLY A 223 30.49 -12.50 3.16
CA GLY A 223 31.86 -11.99 3.23
C GLY A 223 32.17 -11.05 4.39
N PRO A 224 33.47 -10.72 4.54
CA PRO A 224 33.93 -9.79 5.57
C PRO A 224 33.40 -8.37 5.34
N VAL A 225 32.83 -7.79 6.38
CA VAL A 225 32.41 -6.41 6.36
C VAL A 225 33.66 -5.55 6.09
N ASP A 226 33.57 -4.63 5.13
CA ASP A 226 34.69 -3.75 4.88
C ASP A 226 34.45 -2.46 5.63
N ILE A 227 35.24 -2.18 6.67
CA ILE A 227 34.98 -1.01 7.51
C ILE A 227 35.10 0.30 6.72
N GLU A 228 35.95 0.28 5.69
CA GLU A 228 36.00 1.36 4.74
C GLU A 228 34.74 1.40 3.88
N ASP A 229 34.29 0.24 3.38
CA ASP A 229 32.98 0.13 2.68
C ASP A 229 31.82 0.74 3.51
N ILE A 230 31.88 0.59 4.82
CA ILE A 230 30.89 1.14 5.73
C ILE A 230 31.03 2.62 6.03
N ARG A 231 32.25 3.12 6.16
CA ARG A 231 32.50 4.55 6.38
C ARG A 231 32.01 5.37 5.20
N ARG A 232 32.30 4.89 3.98
CA ARG A 232 31.79 5.53 2.77
C ARG A 232 30.25 5.44 2.70
N ALA A 233 29.70 4.27 3.04
CA ALA A 233 28.25 4.08 3.10
C ALA A 233 27.57 4.96 4.15
N VAL A 234 28.32 5.37 5.16
CA VAL A 234 27.79 6.30 6.16
C VAL A 234 27.78 7.73 5.64
N ALA A 235 28.93 8.19 5.13
CA ALA A 235 29.10 9.58 4.62
C ALA A 235 28.02 10.01 3.65
N ALA A 236 27.51 9.06 2.86
CA ALA A 236 26.43 9.31 1.90
C ALA A 236 25.17 9.88 2.58
N SER A 237 24.74 9.16 3.62
CA SER A 237 23.59 9.52 4.46
C SER A 237 23.34 11.00 4.64
N GLN A 285 13.55 15.82 24.05
CA GLN A 285 12.99 17.16 23.83
C GLN A 285 11.72 17.31 24.66
N SER A 286 11.67 18.39 25.43
CA SER A 286 10.53 18.69 26.28
C SER A 286 9.33 19.16 25.45
N LEU A 287 8.16 18.84 25.93
CA LEU A 287 6.94 19.23 25.25
C LEU A 287 6.23 20.35 25.97
N SER A 288 6.95 21.08 26.81
CA SER A 288 6.36 22.22 27.52
C SER A 288 5.96 23.37 26.59
N PHE A 289 6.80 23.67 25.62
CA PHE A 289 6.54 24.76 24.70
C PHE A 289 5.18 24.66 23.98
N LEU A 290 4.68 23.42 23.87
CA LEU A 290 3.34 23.19 23.36
C LEU A 290 2.29 23.51 24.42
N GLY A 291 2.66 23.37 25.69
CA GLY A 291 1.74 23.58 26.80
C GLY A 291 1.98 22.61 27.94
N GLU A 292 1.90 23.16 29.17
CA GLU A 292 2.09 22.44 30.43
C GLU A 292 1.47 21.06 30.44
N ASP A 293 0.25 20.99 29.94
CA ASP A 293 -0.55 19.79 30.02
C ASP A 293 -0.05 18.74 29.05
N ILE A 294 0.65 19.15 28.02
CA ILE A 294 1.21 18.22 27.04
C ILE A 294 2.37 17.48 27.69
N GLU A 295 3.37 18.24 28.12
CA GLU A 295 4.51 17.67 28.82
C GLU A 295 4.04 16.85 29.98
N SER A 296 2.98 17.31 30.62
CA SER A 296 2.50 16.68 31.83
C SER A 296 1.89 15.34 31.54
N ASP A 297 0.97 15.33 30.57
CA ASP A 297 0.30 14.12 30.16
C ASP A 297 1.26 13.09 29.60
N TYR A 298 2.28 13.55 28.88
CA TYR A 298 3.24 12.60 28.34
C TYR A 298 3.99 11.97 29.51
N GLN A 299 4.28 12.73 30.54
CA GLN A 299 4.99 12.16 31.66
C GLN A 299 4.25 11.06 32.40
N GLU A 300 2.91 11.07 32.40
CA GLU A 300 2.14 9.93 32.94
C GLU A 300 2.47 8.63 32.23
N LEU A 301 2.65 8.71 30.92
CA LEU A 301 2.99 7.56 30.10
C LEU A 301 4.27 6.88 30.58
N LEU A 302 5.23 7.64 31.02
CA LEU A 302 6.51 7.07 31.44
C LEU A 302 6.47 6.53 32.86
N HIS A 303 5.35 6.70 33.56
CA HIS A 303 5.19 6.16 34.91
C HIS A 303 4.31 4.93 34.82
N GLY A 304 4.76 3.84 35.42
CA GLY A 304 4.03 2.60 35.39
C GLY A 304 4.92 1.38 35.36
N ASP A 305 4.28 0.23 35.51
CA ASP A 305 4.85 -1.01 35.07
C ASP A 305 4.18 -1.36 33.71
N SER A 306 3.21 -0.51 33.34
CA SER A 306 2.37 -0.68 32.16
C SER A 306 2.98 -0.18 30.84
N GLY A 307 3.87 -0.97 30.26
CA GLY A 307 4.03 -0.98 28.80
C GLY A 307 4.79 0.13 28.13
N PHE A 308 4.19 1.31 27.96
CA PHE A 308 4.92 2.47 27.42
C PHE A 308 6.11 2.79 28.31
N ALA A 309 5.76 2.73 29.59
CA ALA A 309 6.66 3.00 30.67
C ALA A 309 7.71 1.93 30.72
N LEU A 310 7.30 0.65 30.66
CA LEU A 310 8.30 -0.41 30.80
C LEU A 310 9.37 -0.21 29.76
N TYR A 311 8.90 -0.08 28.52
CA TYR A 311 9.79 0.11 27.37
C TYR A 311 10.55 1.42 27.50
N ALA A 312 9.89 2.49 27.91
CA ALA A 312 10.59 3.77 27.99
C ALA A 312 11.77 3.71 28.98
N LYS A 313 11.63 2.94 30.04
CA LYS A 313 12.69 2.81 31.06
C LYS A 313 13.79 1.84 30.64
N GLN A 314 13.40 0.73 30.02
CA GLN A 314 14.37 -0.21 29.50
C GLN A 314 15.26 0.47 28.45
N TYR A 315 14.69 1.25 27.54
CA TYR A 315 15.52 1.90 26.54
C TYR A 315 16.19 3.24 26.96
N GLY A 316 16.06 3.59 28.24
CA GLY A 316 16.71 4.78 28.79
C GLY A 316 16.08 6.08 28.36
N TYR A 317 14.77 6.07 28.08
CA TYR A 317 14.02 7.25 27.67
C TYR A 317 13.00 7.77 28.71
N ALA A 318 13.16 7.40 29.97
CA ALA A 318 12.27 7.85 31.04
C ALA A 318 13.01 8.56 32.19
N GLY A 319 13.98 7.89 32.79
CA GLY A 319 14.62 8.40 34.01
C GLY A 319 13.95 7.91 35.29
N MET B 35 -23.75 -20.07 -1.09
CA MET B 35 -22.35 -20.58 -1.17
C MET B 35 -21.40 -19.69 -0.39
N ASN B 36 -20.21 -20.18 -0.08
CA ASN B 36 -19.23 -19.36 0.63
C ASN B 36 -17.84 -19.28 -0.03
N GLY B 37 -17.35 -18.05 -0.10
CA GLY B 37 -16.07 -17.74 -0.72
C GLY B 37 -15.93 -16.23 -0.92
N ILE B 38 -14.81 -15.81 -1.50
CA ILE B 38 -14.54 -14.39 -1.74
C ILE B 38 -15.36 -13.90 -2.91
N ARG B 39 -15.77 -12.64 -2.83
CA ARG B 39 -16.41 -11.98 -3.95
C ARG B 39 -15.69 -10.68 -4.22
N TRP B 40 -15.11 -10.60 -5.41
CA TRP B 40 -14.38 -9.41 -5.81
C TRP B 40 -15.33 -8.55 -6.56
N ILE B 41 -15.41 -7.29 -6.11
CA ILE B 41 -16.12 -6.26 -6.82
C ILE B 41 -15.02 -5.46 -7.46
N ALA B 42 -14.74 -5.70 -8.74
CA ALA B 42 -13.54 -5.14 -9.36
C ALA B 42 -13.85 -4.20 -10.52
N SER B 43 -13.16 -3.07 -10.52
CA SER B 43 -13.33 -2.13 -11.60
C SER B 43 -12.15 -1.25 -11.57
N TYR B 44 -11.90 -0.55 -12.68
CA TYR B 44 -10.87 0.50 -12.69
C TYR B 44 -11.32 1.60 -11.74
N PRO B 45 -10.40 2.50 -11.35
CA PRO B 45 -10.82 3.60 -10.55
C PRO B 45 -11.97 4.31 -11.20
N LYS B 46 -12.99 4.60 -10.40
CA LYS B 46 -14.09 5.47 -10.84
C LYS B 46 -14.89 4.83 -11.95
N ALA B 47 -14.75 3.52 -12.09
CA ALA B 47 -15.38 2.78 -13.20
C ALA B 47 -16.59 1.98 -12.73
N GLY B 48 -16.96 2.06 -11.45
CA GLY B 48 -18.16 1.34 -10.96
C GLY B 48 -18.16 0.75 -9.54
N ASN B 49 -17.04 0.19 -9.10
CA ASN B 49 -17.09 -0.76 -7.98
C ASN B 49 -17.50 -0.09 -6.69
N THR B 50 -17.12 1.17 -6.53
CA THR B 50 -17.56 1.93 -5.37
C THR B 50 -19.10 2.06 -5.30
N TRP B 51 -19.70 2.59 -6.37
CA TRP B 51 -21.14 2.67 -6.44
C TRP B 51 -21.73 1.33 -6.04
N VAL B 52 -21.28 0.27 -6.69
CA VAL B 52 -21.88 -1.03 -6.43
C VAL B 52 -21.67 -1.51 -5.00
N ARG B 53 -20.48 -1.25 -4.47
CA ARG B 53 -20.14 -1.57 -3.08
C ARG B 53 -20.98 -0.75 -2.11
N CYS B 54 -21.58 0.32 -2.62
CA CYS B 54 -22.45 1.15 -1.81
C CYS B 54 -23.84 0.52 -1.78
N MET B 55 -24.32 0.06 -2.93
CA MET B 55 -25.70 -0.44 -3.02
C MET B 55 -25.81 -1.83 -2.42
N LEU B 56 -24.70 -2.55 -2.34
CA LEU B 56 -24.70 -3.81 -1.63
C LEU B 56 -24.74 -3.52 -0.14
N ALA B 57 -23.85 -2.64 0.30
CA ALA B 57 -23.91 -2.09 1.66
C ALA B 57 -25.33 -1.70 2.09
N ALA B 58 -25.99 -0.92 1.27
CA ALA B 58 -27.35 -0.44 1.61
C ALA B 58 -28.37 -1.57 1.68
N TYR B 59 -28.15 -2.61 0.87
CA TYR B 59 -29.06 -3.76 0.81
C TYR B 59 -28.98 -4.58 2.11
N ILE B 60 -27.77 -4.98 2.46
CA ILE B 60 -27.51 -5.75 3.68
C ILE B 60 -28.24 -5.15 4.89
N THR B 61 -27.90 -3.91 5.24
CA THR B 61 -28.40 -3.25 6.45
C THR B 61 -29.91 -3.12 6.46
N LEU B 76 -15.11 -3.99 3.21
CA LEU B 76 -13.76 -4.42 2.81
C LEU B 76 -13.25 -3.78 1.47
N THR B 77 -12.11 -3.05 1.55
CA THR B 77 -11.32 -2.58 0.40
C THR B 77 -9.89 -3.13 0.36
N LEU B 78 -9.60 -4.02 -0.59
CA LEU B 78 -8.31 -4.75 -0.59
C LEU B 78 -7.04 -3.91 -0.41
N GLU B 79 -6.91 -2.81 -1.14
CA GLU B 79 -5.67 -2.05 -1.08
C GLU B 79 -5.56 -1.32 0.22
N ALA B 80 -6.68 -0.81 0.74
CA ALA B 80 -6.67 -0.09 2.00
C ALA B 80 -6.22 -1.09 3.08
N MET B 81 -6.81 -2.29 3.08
CA MET B 81 -6.47 -3.30 4.05
C MET B 81 -5.00 -3.57 3.97
N LEU B 82 -4.57 -3.86 2.75
CA LEU B 82 -3.22 -4.31 2.53
C LEU B 82 -2.22 -3.29 3.06
N ARG B 83 -2.53 -2.00 2.93
CA ARG B 83 -1.63 -0.97 3.41
C ARG B 83 -1.40 -1.09 4.93
N PHE B 84 -2.41 -1.55 5.66
CA PHE B 84 -2.25 -1.89 7.06
C PHE B 84 -1.72 -3.31 7.32
N GLY B 85 -1.51 -4.09 6.27
CA GLY B 85 -0.98 -5.45 6.40
C GLY B 85 -2.05 -6.47 6.70
N ASP B 86 -3.25 -6.13 6.28
CA ASP B 86 -4.40 -6.94 6.55
C ASP B 86 -4.76 -7.63 5.23
N LEU B 87 -5.36 -8.80 5.36
CA LEU B 87 -5.67 -9.64 4.20
C LEU B 87 -7.06 -10.11 4.44
N PRO B 88 -7.85 -10.21 3.38
CA PRO B 88 -9.13 -10.86 3.61
C PRO B 88 -8.86 -12.33 3.91
N PRO B 89 -9.76 -12.97 4.67
CA PRO B 89 -9.60 -14.40 4.93
C PRO B 89 -9.40 -15.24 3.67
N ALA B 90 -8.43 -16.16 3.69
CA ALA B 90 -8.28 -17.18 2.64
C ALA B 90 -8.97 -18.52 2.99
N GLU B 91 -9.58 -18.62 4.18
CA GLU B 91 -10.48 -19.75 4.53
C GLU B 91 -11.75 -19.20 5.24
N PRO B 92 -12.80 -18.88 4.45
CA PRO B 92 -14.01 -18.23 5.01
C PRO B 92 -15.30 -19.05 5.18
N MET B 93 -15.88 -18.96 6.38
CA MET B 93 -17.23 -19.45 6.65
C MET B 93 -18.23 -18.64 5.84
N GLU B 94 -18.18 -17.31 6.00
CA GLU B 94 -19.17 -16.42 5.40
C GLU B 94 -18.82 -16.13 3.95
N PRO B 95 -19.76 -15.52 3.21
CA PRO B 95 -19.40 -14.77 2.00
C PRO B 95 -18.62 -13.53 2.40
N VAL B 96 -17.68 -13.12 1.55
CA VAL B 96 -16.84 -11.94 1.80
C VAL B 96 -16.76 -11.12 0.51
N LEU B 97 -17.38 -9.95 0.55
CA LEU B 97 -17.31 -8.96 -0.52
C LEU B 97 -16.07 -8.14 -0.33
N VAL B 98 -15.25 -8.02 -1.36
CA VAL B 98 -14.07 -7.18 -1.27
C VAL B 98 -13.91 -6.37 -2.53
N LYS B 99 -13.84 -5.04 -2.38
CA LYS B 99 -13.70 -4.15 -3.51
C LYS B 99 -12.23 -3.99 -3.82
N THR B 100 -11.85 -4.07 -5.09
CA THR B 100 -10.49 -3.76 -5.48
C THR B 100 -10.43 -3.12 -6.85
N HIS B 101 -9.48 -2.22 -7.04
CA HIS B 101 -9.12 -1.76 -8.39
C HIS B 101 -7.91 -2.49 -9.02
N LEU B 102 -7.23 -3.34 -8.27
CA LEU B 102 -5.96 -3.92 -8.74
C LEU B 102 -6.21 -4.90 -9.87
N LYS B 103 -5.24 -5.10 -10.73
CA LYS B 103 -5.46 -6.06 -11.81
C LYS B 103 -5.41 -7.47 -11.23
N ALA B 104 -6.32 -8.32 -11.66
CA ALA B 104 -6.47 -9.68 -11.13
C ALA B 104 -5.14 -10.46 -10.91
N ASP B 105 -4.12 -10.24 -11.75
CA ASP B 105 -2.92 -11.07 -11.70
C ASP B 105 -1.78 -10.55 -10.81
N VAL B 106 -2.09 -9.63 -9.90
CA VAL B 106 -1.12 -9.17 -8.90
C VAL B 106 -0.85 -10.29 -7.88
N PRO B 107 0.40 -10.42 -7.39
CA PRO B 107 0.80 -11.58 -6.57
C PRO B 107 -0.14 -11.88 -5.43
N VAL B 108 -0.47 -10.84 -4.68
CA VAL B 108 -1.34 -10.95 -3.53
C VAL B 108 -2.65 -11.71 -3.80
N LEU B 109 -3.27 -11.40 -4.95
CA LEU B 109 -4.48 -12.09 -5.39
C LEU B 109 -4.22 -13.58 -5.76
N GLY B 110 -2.94 -13.94 -5.89
CA GLY B 110 -2.52 -15.31 -6.00
C GLY B 110 -2.76 -16.12 -4.75
N LEU B 111 -2.94 -15.47 -3.60
CA LEU B 111 -3.27 -16.20 -2.38
C LEU B 111 -4.72 -16.66 -2.39
N TYR B 112 -5.46 -16.35 -3.46
CA TYR B 112 -6.92 -16.48 -3.45
C TYR B 112 -7.64 -17.37 -4.52
N GLY B 113 -6.88 -18.08 -5.36
CA GLY B 113 -7.46 -18.99 -6.35
C GLY B 113 -8.55 -19.93 -5.82
N GLU B 114 -8.26 -20.64 -4.73
CA GLU B 114 -9.22 -21.56 -4.10
C GLU B 114 -10.33 -20.84 -3.36
N ALA B 115 -10.03 -19.66 -2.83
CA ALA B 115 -10.94 -19.01 -1.89
C ALA B 115 -12.02 -18.22 -2.63
N THR B 116 -11.95 -18.19 -3.95
CA THR B 116 -12.72 -17.23 -4.69
C THR B 116 -13.97 -17.84 -5.35
N ALA B 117 -15.12 -17.32 -4.92
CA ALA B 117 -16.41 -17.80 -5.34
C ALA B 117 -16.90 -17.05 -6.58
N LYS B 118 -16.85 -15.72 -6.55
CA LYS B 118 -17.41 -14.94 -7.65
C LYS B 118 -16.59 -13.70 -7.96
N VAL B 119 -16.67 -13.25 -9.20
CA VAL B 119 -16.05 -12.00 -9.60
C VAL B 119 -17.07 -11.14 -10.32
N LEU B 120 -17.27 -9.91 -9.86
CA LEU B 120 -18.02 -8.97 -10.66
C LEU B 120 -17.05 -7.89 -11.17
N TYR B 121 -16.89 -7.84 -12.48
CA TYR B 121 -16.08 -6.83 -13.09
C TYR B 121 -16.99 -5.73 -13.61
N LEU B 122 -16.59 -4.48 -13.40
CA LEU B 122 -17.34 -3.36 -13.84
C LEU B 122 -16.48 -2.56 -14.78
N VAL B 123 -17.10 -2.09 -15.86
CA VAL B 123 -16.37 -1.44 -16.97
C VAL B 123 -17.11 -0.18 -17.42
N ARG B 124 -16.34 0.80 -17.92
CA ARG B 124 -16.88 2.12 -18.17
C ARG B 124 -16.15 2.85 -19.27
N ASN B 125 -16.86 3.55 -20.12
CA ASN B 125 -16.23 4.35 -21.19
C ASN B 125 -15.05 5.11 -20.62
N PRO B 126 -13.85 4.86 -21.15
CA PRO B 126 -12.67 5.57 -20.64
C PRO B 126 -12.81 7.09 -20.59
N ARG B 127 -13.35 7.72 -21.63
CA ARG B 127 -13.51 9.17 -21.58
C ARG B 127 -14.00 9.64 -20.21
N ASP B 128 -15.06 9.00 -19.74
CA ASP B 128 -15.76 9.41 -18.53
C ASP B 128 -14.92 9.13 -17.30
N MET B 129 -14.18 8.02 -17.34
CA MET B 129 -13.24 7.68 -16.28
C MET B 129 -12.14 8.71 -16.20
N LEU B 130 -11.57 9.02 -17.36
CA LEU B 130 -10.53 10.00 -17.46
C LEU B 130 -10.93 11.30 -16.80
N LEU B 131 -12.19 11.69 -16.97
CA LEU B 131 -12.72 12.93 -16.40
C LEU B 131 -13.09 12.83 -14.90
N SER B 132 -13.59 11.69 -14.45
CA SER B 132 -13.85 11.54 -13.01
C SER B 132 -12.56 11.46 -12.21
N SER B 133 -11.53 10.87 -12.81
CA SER B 133 -10.20 10.78 -12.21
C SER B 133 -9.64 12.20 -12.00
N MET B 134 -9.76 13.04 -13.03
CA MET B 134 -9.36 14.42 -12.92
C MET B 134 -9.85 15.01 -11.60
N ARG B 135 -11.14 14.85 -11.33
CA ARG B 135 -11.73 15.42 -10.11
C ARG B 135 -11.19 14.72 -8.86
N MET B 136 -10.87 13.43 -8.95
CA MET B 136 -10.20 12.70 -7.85
C MET B 136 -8.82 13.32 -7.53
N ALA B 137 -8.05 13.65 -8.57
CA ALA B 137 -6.78 14.38 -8.40
C ALA B 137 -7.03 15.84 -7.94
N SER B 138 -8.28 16.16 -7.61
CA SER B 138 -8.64 17.38 -6.91
C SER B 138 -8.35 18.58 -7.79
N ILE B 139 -8.58 18.43 -9.10
CA ILE B 139 -8.38 19.50 -10.08
C ILE B 139 -9.72 19.91 -10.70
N SER B 140 -9.99 21.21 -10.69
CA SER B 140 -11.21 21.76 -11.28
C SER B 140 -11.05 21.63 -12.79
N ARG B 141 -12.14 21.34 -13.49
CA ARG B 141 -12.06 21.28 -14.95
C ARG B 141 -12.44 22.64 -15.57
N ASP B 142 -12.31 23.70 -14.76
CA ASP B 142 -12.11 25.06 -15.25
C ASP B 142 -10.62 25.29 -15.51
N ASP B 143 -9.78 24.47 -14.88
CA ASP B 143 -8.32 24.55 -14.98
C ASP B 143 -7.87 23.54 -16.04
N VAL B 144 -7.77 24.04 -17.28
CA VAL B 144 -7.39 23.24 -18.43
C VAL B 144 -5.92 22.89 -18.37
N GLU B 145 -5.10 23.82 -17.89
CA GLU B 145 -3.67 23.59 -17.71
C GLU B 145 -3.36 22.20 -17.14
N LYS B 146 -3.61 22.00 -15.85
CA LYS B 146 -3.39 20.69 -15.20
C LYS B 146 -4.17 19.53 -15.90
N SER B 147 -5.45 19.75 -16.14
CA SER B 147 -6.28 18.87 -16.94
C SER B 147 -5.62 18.34 -18.21
N ARG B 148 -4.96 19.21 -18.98
CA ARG B 148 -4.20 18.76 -20.17
C ARG B 148 -3.10 17.78 -19.80
N ASP B 149 -2.26 18.19 -18.84
CA ASP B 149 -1.14 17.37 -18.37
C ASP B 149 -1.65 15.99 -18.05
N PHE B 150 -2.77 15.98 -17.34
CA PHE B 150 -3.32 14.77 -16.82
C PHE B 150 -3.77 13.85 -17.96
N ALA B 151 -4.60 14.38 -18.84
CA ALA B 151 -5.09 13.64 -19.98
C ALA B 151 -3.91 13.10 -20.80
N ARG B 152 -2.90 13.93 -21.00
CA ARG B 152 -1.74 13.49 -21.77
C ARG B 152 -1.00 12.30 -21.16
N LYS B 153 -0.96 12.23 -19.84
CA LYS B 153 -0.24 11.15 -19.18
C LYS B 153 -1.15 9.92 -19.16
N PHE B 154 -2.46 10.16 -19.10
CA PHE B 154 -3.42 9.06 -19.24
C PHE B 154 -3.27 8.35 -20.59
N ILE B 155 -3.29 9.12 -21.65
CA ILE B 155 -3.20 8.56 -23.01
C ILE B 155 -1.85 7.92 -23.26
N ALA B 156 -0.79 8.57 -22.79
CA ALA B 156 0.55 8.02 -22.92
C ALA B 156 0.59 6.62 -22.31
N ASN B 157 -0.10 6.44 -21.19
CA ASN B 157 -0.12 5.17 -20.45
C ASN B 157 -1.39 4.31 -20.62
N GLU B 158 -2.27 4.66 -21.53
CA GLU B 158 -3.45 3.83 -21.79
C GLU B 158 -4.26 3.55 -20.53
N GLY B 159 -4.22 4.50 -19.60
CA GLY B 159 -4.83 4.34 -18.30
C GLY B 159 -4.13 5.10 -17.18
N LEU B 160 -4.53 4.79 -15.96
CA LEU B 160 -4.23 5.60 -14.77
C LEU B 160 -3.08 5.12 -13.88
N GLY B 161 -2.22 4.22 -14.36
CA GLY B 161 -1.17 3.66 -13.49
C GLY B 161 0.21 4.12 -13.87
N TRP B 162 0.59 5.33 -13.47
CA TRP B 162 1.92 5.88 -13.82
C TRP B 162 2.86 6.00 -12.60
N VAL B 171 2.15 -4.96 -12.08
CA VAL B 171 1.75 -4.58 -10.71
C VAL B 171 0.85 -3.31 -10.65
N GLY B 172 -0.08 -3.30 -9.71
CA GLY B 172 -0.84 -2.11 -9.40
C GLY B 172 -2.12 -2.14 -10.19
N LEU B 173 -2.57 -0.97 -10.63
CA LEU B 173 -3.77 -0.89 -11.46
C LEU B 173 -3.51 -1.58 -12.79
N GLY B 174 -2.34 -1.30 -13.39
CA GLY B 174 -2.07 -1.68 -14.77
C GLY B 174 -2.63 -0.64 -15.73
N SER B 175 -2.41 -0.82 -17.03
CA SER B 175 -3.05 0.02 -18.02
C SER B 175 -4.52 -0.29 -17.96
N TRP B 176 -5.36 0.43 -18.69
CA TRP B 176 -6.77 0.07 -18.71
C TRP B 176 -7.03 -1.29 -19.38
N PRO B 177 -6.47 -1.52 -20.57
CA PRO B 177 -6.65 -2.85 -21.09
C PRO B 177 -6.04 -3.98 -20.21
N GLU B 178 -4.87 -3.73 -19.60
CA GLU B 178 -4.27 -4.77 -18.78
C GLU B 178 -5.25 -5.15 -17.70
N ASN B 179 -5.94 -4.15 -17.15
CA ASN B 179 -6.90 -4.39 -16.10
C ASN B 179 -8.11 -5.16 -16.60
N VAL B 180 -8.69 -4.74 -17.72
CA VAL B 180 -9.84 -5.47 -18.26
C VAL B 180 -9.50 -6.93 -18.57
N ARG B 181 -8.47 -7.17 -19.38
CA ARG B 181 -8.00 -8.54 -19.62
C ARG B 181 -7.83 -9.26 -18.28
N SER B 182 -7.11 -8.65 -17.34
CA SER B 182 -6.81 -9.33 -16.10
C SER B 182 -8.04 -9.99 -15.47
N TRP B 183 -9.13 -9.27 -15.36
CA TRP B 183 -10.34 -9.80 -14.74
C TRP B 183 -11.31 -10.50 -15.70
N THR B 184 -11.19 -10.26 -17.00
CA THR B 184 -12.08 -10.93 -17.95
C THR B 184 -11.44 -12.22 -18.48
N GLU B 185 -10.12 -12.37 -18.38
CA GLU B 185 -9.45 -13.63 -18.74
C GLU B 185 -8.68 -14.09 -17.52
N SER B 186 -9.42 -14.56 -16.51
CA SER B 186 -8.85 -14.77 -15.16
C SER B 186 -9.40 -16.00 -14.46
N SER B 187 -10.66 -16.31 -14.74
CA SER B 187 -11.20 -17.59 -14.37
C SER B 187 -10.28 -18.63 -15.01
N SER B 188 -9.74 -18.28 -16.17
CA SER B 188 -8.87 -19.17 -16.93
C SER B 188 -7.69 -19.74 -16.13
N ASP B 189 -7.11 -18.96 -15.23
CA ASP B 189 -5.99 -19.47 -14.46
C ASP B 189 -6.06 -19.07 -12.98
N ARG B 190 -6.28 -17.78 -12.72
CA ARG B 190 -6.25 -17.22 -11.37
C ARG B 190 -7.34 -17.74 -10.44
N PHE B 191 -8.57 -17.81 -10.93
CA PHE B 191 -9.72 -18.07 -10.05
C PHE B 191 -10.65 -19.20 -10.55
N PRO B 192 -10.09 -20.39 -10.79
CA PRO B 192 -10.82 -21.51 -11.41
C PRO B 192 -12.06 -22.12 -10.71
N ASN B 193 -12.41 -21.69 -9.50
CA ASN B 193 -13.72 -22.02 -8.92
C ASN B 193 -14.77 -21.00 -9.25
N ALA B 194 -14.34 -19.83 -9.69
CA ALA B 194 -15.21 -18.69 -9.67
C ALA B 194 -16.08 -18.61 -10.93
N ASP B 195 -17.25 -18.00 -10.76
CA ASP B 195 -18.08 -17.59 -11.88
C ASP B 195 -17.87 -16.08 -12.04
N VAL B 196 -17.77 -15.61 -13.27
CA VAL B 196 -17.36 -14.25 -13.55
C VAL B 196 -18.43 -13.49 -14.30
N LEU B 197 -18.93 -12.41 -13.72
CA LEU B 197 -19.82 -11.50 -14.45
C LEU B 197 -19.25 -10.07 -14.71
N THR B 198 -19.11 -9.71 -16.00
CA THR B 198 -18.76 -8.36 -16.46
C THR B 198 -20.02 -7.51 -16.64
N MET B 199 -19.90 -6.22 -16.42
CA MET B 199 -21.03 -5.32 -16.59
C MET B 199 -20.57 -3.90 -16.81
N ARG B 200 -21.18 -3.26 -17.80
CA ARG B 200 -20.90 -1.88 -18.08
C ARG B 200 -21.64 -1.01 -17.06
N TYR B 201 -20.90 -0.08 -16.47
CA TYR B 201 -21.45 0.97 -15.61
C TYR B 201 -22.59 1.73 -16.27
N GLU B 202 -22.47 1.96 -17.58
CA GLU B 202 -23.49 2.65 -18.36
C GLU B 202 -24.85 1.98 -18.14
N ASP B 203 -24.95 0.69 -18.48
CA ASP B 203 -26.18 -0.08 -18.31
C ASP B 203 -26.68 -0.14 -16.88
N LEU B 204 -25.77 -0.04 -15.93
CA LEU B 204 -26.16 -0.03 -14.55
C LEU B 204 -26.94 1.24 -14.26
N LYS B 205 -26.33 2.37 -14.60
CA LYS B 205 -27.02 3.66 -14.66
C LYS B 205 -28.29 3.61 -15.50
N GLY B 206 -28.23 2.86 -16.60
CA GLY B 206 -29.39 2.65 -17.48
C GLY B 206 -30.57 1.98 -16.79
N ASP B 207 -30.30 0.89 -16.08
CA ASP B 207 -31.39 0.19 -15.36
C ASP B 207 -30.92 -0.35 -14.01
N PRO B 208 -30.73 0.56 -13.05
CA PRO B 208 -30.24 0.17 -11.74
C PRO B 208 -31.05 -0.99 -11.19
N VAL B 209 -32.37 -0.90 -11.26
CA VAL B 209 -33.25 -1.97 -10.77
C VAL B 209 -32.93 -3.32 -11.43
N ALA B 210 -33.08 -3.40 -12.74
CA ALA B 210 -32.92 -4.66 -13.47
C ALA B 210 -31.46 -5.13 -13.54
N ARG B 211 -30.51 -4.20 -13.37
CA ARG B 211 -29.09 -4.55 -13.42
C ARG B 211 -28.56 -4.93 -12.05
N PHE B 212 -28.84 -4.12 -11.02
CA PHE B 212 -28.43 -4.49 -9.66
C PHE B 212 -29.08 -5.81 -9.25
N SER B 213 -30.35 -6.00 -9.59
CA SER B 213 -30.98 -7.32 -9.45
C SER B 213 -30.03 -8.41 -9.93
N GLU B 214 -29.64 -8.35 -11.21
CA GLU B 214 -28.72 -9.31 -11.81
C GLU B 214 -27.51 -9.59 -10.90
N ILE B 215 -27.01 -8.52 -10.28
CA ILE B 215 -25.86 -8.55 -9.37
C ILE B 215 -26.10 -9.35 -8.10
N VAL B 216 -27.02 -8.89 -7.26
CA VAL B 216 -27.26 -9.48 -5.94
C VAL B 216 -27.56 -10.98 -6.08
N GLU B 217 -28.35 -11.33 -7.08
CA GLU B 217 -28.66 -12.72 -7.41
C GLU B 217 -27.37 -13.48 -7.69
N PHE B 218 -26.51 -12.83 -8.48
CA PHE B 218 -25.29 -13.45 -9.01
C PHE B 218 -24.27 -13.75 -7.95
N LEU B 219 -24.08 -12.79 -7.05
CA LEU B 219 -23.16 -12.97 -5.95
C LEU B 219 -23.70 -14.00 -4.97
N ASP B 220 -25.02 -14.09 -4.90
CA ASP B 220 -25.68 -15.07 -4.06
C ASP B 220 -25.39 -14.76 -2.59
N LEU B 221 -25.50 -13.48 -2.22
CA LEU B 221 -25.14 -13.06 -0.88
C LEU B 221 -26.19 -13.55 0.11
N GLY B 222 -27.48 -13.36 -0.21
CA GLY B 222 -28.54 -13.64 0.76
C GLY B 222 -29.78 -14.35 0.26
N GLY B 223 -29.74 -15.68 0.22
CA GLY B 223 -30.92 -16.48 -0.14
C GLY B 223 -31.62 -16.01 -1.40
N PRO B 224 -32.87 -15.49 -1.27
CA PRO B 224 -33.66 -14.93 -2.37
C PRO B 224 -33.79 -13.41 -2.28
N VAL B 225 -33.77 -12.72 -3.43
CA VAL B 225 -33.75 -11.25 -3.46
C VAL B 225 -35.10 -10.62 -3.80
N ASP B 226 -35.59 -9.70 -2.96
CA ASP B 226 -36.89 -9.02 -3.18
C ASP B 226 -36.67 -7.64 -3.83
N ILE B 227 -37.54 -7.28 -4.77
CA ILE B 227 -37.46 -5.99 -5.48
C ILE B 227 -37.74 -4.82 -4.56
N GLU B 228 -38.65 -5.02 -3.60
CA GLU B 228 -38.88 -4.06 -2.53
C GLU B 228 -37.54 -3.74 -1.86
N ASP B 229 -36.97 -4.73 -1.16
CA ASP B 229 -35.68 -4.59 -0.48
C ASP B 229 -34.66 -3.89 -1.38
N ILE B 230 -34.60 -4.29 -2.65
CA ILE B 230 -33.70 -3.69 -3.63
C ILE B 230 -33.95 -2.20 -3.86
N ARG B 231 -35.22 -1.85 -4.05
CA ARG B 231 -35.62 -0.47 -4.32
C ARG B 231 -34.97 0.50 -3.34
N ARG B 232 -35.06 0.19 -2.05
CA ARG B 232 -34.50 1.08 -1.01
C ARG B 232 -32.98 1.30 -1.15
N ALA B 233 -32.27 0.34 -1.74
CA ALA B 233 -30.82 0.40 -1.87
C ALA B 233 -30.37 1.37 -2.95
N VAL B 234 -30.98 1.29 -4.13
CA VAL B 234 -30.62 2.21 -5.21
C VAL B 234 -31.11 3.61 -4.87
N ALA B 235 -32.12 3.65 -4.00
CA ALA B 235 -32.63 4.92 -3.46
C ALA B 235 -31.53 5.67 -2.71
N ALA B 236 -31.00 5.05 -1.66
CA ALA B 236 -29.98 5.70 -0.82
C ALA B 236 -28.66 5.87 -1.56
N SER B 237 -28.25 4.81 -2.25
CA SER B 237 -26.94 4.78 -2.92
C SER B 237 -26.82 5.89 -3.97
N THR B 238 -27.96 6.41 -4.42
CA THR B 238 -27.99 7.59 -5.29
C THR B 238 -28.41 8.84 -4.51
N LEU B 239 -29.37 8.69 -3.59
CA LEU B 239 -29.80 9.82 -2.77
C LEU B 239 -28.65 10.32 -1.89
N GLU B 240 -27.80 9.41 -1.43
CA GLU B 240 -26.61 9.77 -0.65
C GLU B 240 -25.59 10.45 -1.56
N ARG B 241 -25.26 9.80 -2.67
CA ARG B 241 -24.32 10.34 -3.64
C ARG B 241 -24.76 11.74 -4.10
N MET B 242 -26.05 11.88 -4.42
CA MET B 242 -26.61 13.14 -4.95
C MET B 242 -26.35 14.36 -4.05
N ARG B 243 -26.31 14.15 -2.74
CA ARG B 243 -25.89 15.19 -1.79
C ARG B 243 -24.40 15.53 -2.01
N GLU B 244 -23.58 14.49 -2.18
CA GLU B 244 -22.17 14.66 -2.54
C GLU B 244 -22.02 15.20 -3.97
N GLY B 281 -16.41 20.28 -19.73
CA GLY B 281 -16.77 19.13 -20.58
C GLY B 281 -17.59 19.49 -21.81
N ARG B 282 -17.46 18.69 -22.86
CA ARG B 282 -18.28 18.80 -24.08
C ARG B 282 -19.32 17.71 -23.91
N TYR B 283 -20.52 17.95 -24.39
CA TYR B 283 -21.60 16.98 -24.19
C TYR B 283 -21.61 15.79 -25.17
N ASP B 284 -20.61 15.70 -26.06
CA ASP B 284 -20.65 14.72 -27.16
C ASP B 284 -19.61 13.65 -26.93
N GLN B 285 -19.17 13.54 -25.68
CA GLN B 285 -18.06 12.71 -25.28
C GLN B 285 -16.87 13.15 -26.11
N SER B 286 -16.36 14.32 -25.80
CA SER B 286 -15.26 14.88 -26.55
C SER B 286 -14.24 15.42 -25.57
N LEU B 287 -12.99 15.41 -25.97
CA LEU B 287 -11.96 16.03 -25.19
C LEU B 287 -11.44 17.29 -25.91
N SER B 288 -12.14 17.73 -26.96
CA SER B 288 -11.71 18.87 -27.78
C SER B 288 -11.55 20.10 -26.92
N PHE B 289 -12.46 20.24 -25.95
CA PHE B 289 -12.47 21.38 -25.02
C PHE B 289 -11.16 21.55 -24.27
N LEU B 290 -10.39 20.48 -24.16
CA LEU B 290 -9.02 20.55 -23.65
C LEU B 290 -8.03 20.77 -24.76
N GLY B 291 -8.52 21.07 -25.98
CA GLY B 291 -7.64 21.28 -27.12
C GLY B 291 -7.62 20.11 -28.10
N GLU B 292 -7.31 20.40 -29.35
CA GLU B 292 -7.56 19.47 -30.44
C GLU B 292 -6.64 18.30 -30.38
N ASP B 293 -5.35 18.57 -30.46
CA ASP B 293 -4.32 17.57 -30.17
C ASP B 293 -4.68 16.52 -29.10
N ILE B 294 -5.20 16.95 -27.96
CA ILE B 294 -5.65 16.00 -26.97
C ILE B 294 -6.68 15.07 -27.56
N GLU B 295 -7.78 15.63 -28.07
CA GLU B 295 -8.81 14.81 -28.70
C GLU B 295 -8.17 13.94 -29.79
N SER B 296 -7.35 14.57 -30.60
CA SER B 296 -6.69 13.90 -31.69
C SER B 296 -6.00 12.64 -31.17
N ASP B 297 -5.29 12.75 -30.07
CA ASP B 297 -4.48 11.62 -29.61
C ASP B 297 -5.27 10.52 -28.92
N TYR B 298 -6.31 10.88 -28.20
CA TYR B 298 -7.18 9.88 -27.62
C TYR B 298 -7.81 9.10 -28.77
N GLN B 299 -8.26 9.84 -29.77
CA GLN B 299 -8.83 9.25 -30.96
C GLN B 299 -7.88 8.22 -31.56
N GLU B 300 -6.59 8.57 -31.65
CA GLU B 300 -5.61 7.66 -32.24
C GLU B 300 -5.51 6.43 -31.38
N LEU B 301 -5.61 6.61 -30.08
CA LEU B 301 -5.53 5.48 -29.18
C LEU B 301 -6.71 4.54 -29.44
N LEU B 302 -7.88 5.13 -29.63
CA LEU B 302 -9.13 4.37 -29.83
C LEU B 302 -9.20 3.56 -31.12
N HIS B 303 -8.46 3.97 -32.14
CA HIS B 303 -8.59 3.40 -33.47
C HIS B 303 -7.23 2.96 -34.04
N GLY B 304 -6.49 2.17 -33.27
CA GLY B 304 -5.18 1.63 -33.68
C GLY B 304 -5.13 0.13 -33.49
N ASP B 305 -3.96 -0.40 -33.08
CA ASP B 305 -3.75 -1.86 -32.96
C ASP B 305 -3.46 -2.30 -31.52
N SER B 306 -3.74 -1.43 -30.55
CA SER B 306 -3.04 -1.44 -29.25
C SER B 306 -3.66 -2.23 -28.10
N GLY B 307 -4.90 -2.71 -28.22
CA GLY B 307 -5.55 -3.40 -27.07
C GLY B 307 -6.53 -2.47 -26.37
N PHE B 308 -6.09 -1.26 -26.06
CA PHE B 308 -7.02 -0.23 -25.60
C PHE B 308 -8.13 -0.16 -26.62
N ALA B 309 -7.73 -0.02 -27.88
CA ALA B 309 -8.69 0.06 -28.97
C ALA B 309 -9.54 -1.22 -29.02
N LEU B 310 -8.87 -2.38 -28.94
CA LEU B 310 -9.59 -3.65 -28.91
C LEU B 310 -10.72 -3.66 -27.88
N TYR B 311 -10.38 -3.47 -26.62
CA TYR B 311 -11.41 -3.55 -25.59
C TYR B 311 -12.44 -2.42 -25.68
N ALA B 312 -12.00 -1.25 -26.13
CA ALA B 312 -12.93 -0.15 -26.40
C ALA B 312 -14.00 -0.58 -27.37
N LYS B 313 -13.58 -1.06 -28.54
CA LYS B 313 -14.54 -1.40 -29.58
C LYS B 313 -15.51 -2.52 -29.20
N GLN B 314 -15.06 -3.43 -28.34
CA GLN B 314 -15.90 -4.58 -28.02
C GLN B 314 -16.96 -4.25 -26.97
N TYR B 315 -16.77 -3.18 -26.22
CA TYR B 315 -17.77 -2.78 -25.22
C TYR B 315 -18.68 -1.62 -25.61
N GLY B 316 -18.44 -0.98 -26.75
CA GLY B 316 -19.25 0.16 -27.18
C GLY B 316 -18.74 1.51 -26.71
N TYR B 317 -17.41 1.64 -26.64
CA TYR B 317 -16.80 2.91 -26.31
C TYR B 317 -16.00 3.45 -27.48
N ALA B 318 -16.03 2.76 -28.62
CA ALA B 318 -15.39 3.25 -29.83
C ALA B 318 -16.39 3.93 -30.78
N GLY B 319 -16.53 5.25 -30.59
CA GLY B 319 -17.28 6.11 -31.52
C GLY B 319 -16.48 7.36 -31.86
#